data_1D7J
#
_entry.id   1D7J
#
_cell.length_a   102.800
_cell.length_b   36.450
_cell.length_c   56.000
_cell.angle_alpha   90.00
_cell.angle_beta   96.00
_cell.angle_gamma   90.00
#
_symmetry.space_group_name_H-M   'C 1 2 1'
#
loop_
_entity.id
_entity.type
_entity.pdbx_description
1 polymer 'PROTEIN (FK506-BINDING PROTEIN)'
2 non-polymer 'AMMONIUM ION'
3 non-polymer 'SULFATE ION'
4 non-polymer 4-HYDROXY-2-BUTANONE
5 water water
#
_entity_poly.entity_id   1
_entity_poly.type   'polypeptide(L)'
_entity_poly.pdbx_seq_one_letter_code
;GVQVETISPGDGRTFPKRGQTCVVHYTGMLEDGKKFDSSRDRNKPFKFMLGKQEVIRGWEEGVAQMSVGQRAKLTISPDY
AYGATGHPGIIPPHATLVFDVELLKLE
;
_entity_poly.pdbx_strand_id   A,B
#
loop_
_chem_comp.id
_chem_comp.type
_chem_comp.name
_chem_comp.formula
BUQ non-polymer 4-HYDROXY-2-BUTANONE 'C4 H8 O2'
NH4 non-polymer 'AMMONIUM ION' 'H4 N 1'
SO4 non-polymer 'SULFATE ION' 'O4 S -2'
#
# COMPACT_ATOMS: atom_id res chain seq x y z
N GLY A 1 9.08 3.53 8.71
CA GLY A 1 8.93 4.98 8.48
C GLY A 1 7.48 5.31 8.16
N VAL A 2 7.27 6.35 7.37
CA VAL A 2 5.94 6.78 6.96
C VAL A 2 5.93 6.98 5.47
N GLN A 3 4.88 6.51 4.82
CA GLN A 3 4.75 6.66 3.38
C GLN A 3 3.58 7.63 3.17
N VAL A 4 3.84 8.67 2.39
CA VAL A 4 2.83 9.69 2.11
C VAL A 4 2.30 9.56 0.68
N GLU A 5 1.01 9.31 0.53
CA GLU A 5 0.40 9.18 -0.79
C GLU A 5 -0.63 10.30 -0.95
N THR A 6 -0.49 11.11 -2.00
CA THR A 6 -1.40 12.22 -2.23
C THR A 6 -2.78 11.76 -2.64
N ILE A 7 -3.80 12.39 -2.08
CA ILE A 7 -5.18 12.07 -2.44
C ILE A 7 -5.67 13.30 -3.21
N SER A 8 -5.25 14.48 -2.76
CA SER A 8 -5.61 15.73 -3.39
C SER A 8 -4.44 16.66 -3.12
N PRO A 9 -3.96 17.35 -4.17
CA PRO A 9 -2.82 18.27 -4.04
C PRO A 9 -3.11 19.53 -3.24
N GLY A 10 -2.07 20.05 -2.61
CA GLY A 10 -2.18 21.28 -1.86
C GLY A 10 -1.63 22.34 -2.80
N ASP A 11 -1.15 23.46 -2.28
CA ASP A 11 -0.59 24.50 -3.14
C ASP A 11 0.80 24.17 -3.68
N GLY A 12 1.42 23.12 -3.13
CA GLY A 12 2.75 22.69 -3.54
C GLY A 12 3.88 23.67 -3.24
N ARG A 13 3.67 24.59 -2.30
CA ARG A 13 4.67 25.59 -2.00
C ARG A 13 4.83 25.89 -0.52
N THR A 14 3.73 25.83 0.22
CA THR A 14 3.76 26.14 1.65
C THR A 14 3.86 24.85 2.46
N PHE A 15 5.05 24.59 2.96
CA PHE A 15 5.34 23.41 3.77
C PHE A 15 5.52 23.82 5.23
N PRO A 16 4.98 23.02 6.16
CA PRO A 16 5.08 23.28 7.59
C PRO A 16 6.52 23.35 8.09
N LYS A 17 6.82 24.32 8.93
CA LYS A 17 8.16 24.48 9.50
C LYS A 17 8.06 24.20 10.99
N ARG A 18 9.15 23.72 11.57
CA ARG A 18 9.18 23.42 13.00
C ARG A 18 8.71 24.64 13.76
N GLY A 19 7.80 24.44 14.71
CA GLY A 19 7.31 25.55 15.48
C GLY A 19 5.97 26.09 15.02
N GLN A 20 5.56 25.75 13.81
CA GLN A 20 4.27 26.23 13.32
C GLN A 20 3.18 25.31 13.82
N THR A 21 1.98 25.85 13.94
CA THR A 21 0.84 25.06 14.36
C THR A 21 0.11 24.59 13.11
N CYS A 22 -0.03 23.28 13.00
CA CYS A 22 -0.72 22.66 11.88
C CYS A 22 -2.17 22.41 12.28
N VAL A 23 -3.09 22.77 11.40
CA VAL A 23 -4.51 22.57 11.62
C VAL A 23 -4.94 21.54 10.60
N VAL A 24 -5.36 20.38 11.07
CA VAL A 24 -5.73 19.30 10.17
C VAL A 24 -7.03 18.58 10.53
N HIS A 25 -7.52 17.82 9.57
CA HIS A 25 -8.69 16.97 9.79
C HIS A 25 -8.09 15.61 9.48
N TYR A 26 -8.48 14.58 10.21
CA TYR A 26 -7.91 13.27 9.98
C TYR A 26 -8.89 12.19 10.37
N THR A 27 -8.57 10.98 9.93
CA THR A 27 -9.30 9.76 10.24
C THR A 27 -8.21 8.70 10.40
N GLY A 28 -8.18 8.05 11.57
CA GLY A 28 -7.18 7.03 11.81
C GLY A 28 -7.81 5.67 11.68
N MET A 29 -7.11 4.75 11.04
CA MET A 29 -7.59 3.41 10.82
C MET A 29 -6.47 2.40 11.06
N LEU A 30 -6.86 1.18 11.38
CA LEU A 30 -5.89 0.10 11.59
C LEU A 30 -5.68 -0.50 10.20
N GLU A 31 -4.71 -1.41 10.06
CA GLU A 31 -4.44 -2.03 8.76
C GLU A 31 -5.69 -2.54 8.08
N ASP A 32 -6.59 -3.16 8.84
CA ASP A 32 -7.82 -3.72 8.29
C ASP A 32 -8.88 -2.71 7.85
N GLY A 33 -8.58 -1.42 8.01
CA GLY A 33 -9.53 -0.40 7.59
C GLY A 33 -10.50 0.02 8.68
N LYS A 34 -10.38 -0.57 9.86
CA LYS A 34 -11.25 -0.25 10.98
C LYS A 34 -10.85 1.14 11.52
N LYS A 35 -11.81 2.07 11.49
CA LYS A 35 -11.60 3.42 11.96
C LYS A 35 -11.54 3.39 13.48
N PHE A 36 -10.57 4.08 14.06
CA PHE A 36 -10.46 4.12 15.50
C PHE A 36 -10.58 5.53 16.06
N ASP A 37 -10.38 6.54 15.22
CA ASP A 37 -10.48 7.93 15.66
C ASP A 37 -10.67 8.84 14.45
N SER A 38 -11.37 9.95 14.63
CA SER A 38 -11.59 10.87 13.54
C SER A 38 -12.07 12.23 14.00
N SER A 39 -11.36 13.28 13.60
CA SER A 39 -11.73 14.64 13.96
C SER A 39 -12.93 15.02 13.12
N ARG A 40 -13.05 14.40 11.96
CA ARG A 40 -14.15 14.69 11.05
C ARG A 40 -15.48 14.34 11.70
N ASP A 41 -15.49 13.28 12.50
CA ASP A 41 -16.73 12.85 13.19
C ASP A 41 -17.12 13.89 14.22
N ARG A 42 -16.12 14.51 14.85
CA ARG A 42 -16.37 15.52 15.85
C ARG A 42 -16.56 16.89 15.21
N ASN A 43 -16.38 16.97 13.89
CA ASN A 43 -16.52 18.23 13.15
C ASN A 43 -15.73 19.34 13.83
N LYS A 44 -14.49 19.00 14.20
CA LYS A 44 -13.61 19.93 14.87
C LYS A 44 -12.19 19.59 14.43
N PRO A 45 -11.51 20.52 13.74
CA PRO A 45 -10.14 20.29 13.29
C PRO A 45 -9.23 20.10 14.51
N PHE A 46 -8.13 19.39 14.30
CA PHE A 46 -7.16 19.11 15.35
C PHE A 46 -5.95 20.00 15.09
N LYS A 47 -5.34 20.51 16.16
CA LYS A 47 -4.17 21.37 16.04
C LYS A 47 -3.00 20.80 16.84
N PHE A 48 -1.80 20.97 16.32
CA PHE A 48 -0.60 20.52 17.00
C PHE A 48 0.55 21.34 16.45
N MET A 49 1.51 21.67 17.31
CA MET A 49 2.68 22.43 16.89
C MET A 49 3.78 21.47 16.45
N LEU A 50 4.21 21.62 15.19
CA LEU A 50 5.24 20.76 14.64
C LEU A 50 6.52 20.89 15.44
N GLY A 51 7.14 19.75 15.74
CA GLY A 51 8.38 19.73 16.48
C GLY A 51 8.29 19.58 17.99
N LYS A 52 7.09 19.66 18.56
CA LYS A 52 6.96 19.54 20.00
C LYS A 52 6.63 18.13 20.45
N GLN A 53 6.59 17.19 19.51
CA GLN A 53 6.29 15.79 19.81
C GLN A 53 4.98 15.57 20.56
N GLU A 54 3.98 16.35 20.18
CA GLU A 54 2.64 16.28 20.77
C GLU A 54 1.88 15.20 20.03
N VAL A 55 2.46 14.71 18.93
CA VAL A 55 1.84 13.68 18.10
C VAL A 55 2.87 12.59 17.79
N ILE A 56 2.42 11.48 17.23
CA ILE A 56 3.34 10.40 16.91
C ILE A 56 4.37 10.86 15.87
N ARG A 57 5.55 10.25 15.92
CA ARG A 57 6.63 10.61 15.01
C ARG A 57 6.25 10.61 13.53
N GLY A 58 5.47 9.62 13.10
CA GLY A 58 5.03 9.52 11.71
C GLY A 58 4.24 10.74 11.23
N TRP A 59 3.57 11.44 12.17
CA TRP A 59 2.82 12.64 11.84
C TRP A 59 3.79 13.79 11.69
N GLU A 60 4.71 13.92 12.65
CA GLU A 60 5.71 14.97 12.63
C GLU A 60 6.49 14.92 11.32
N GLU A 61 6.91 13.71 10.93
CA GLU A 61 7.65 13.56 9.71
C GLU A 61 6.83 13.54 8.42
N GLY A 62 5.62 13.00 8.49
CA GLY A 62 4.76 12.92 7.32
C GLY A 62 4.07 14.23 6.97
N VAL A 63 3.57 14.94 7.98
CA VAL A 63 2.89 16.21 7.74
C VAL A 63 3.88 17.27 7.26
N ALA A 64 5.13 17.14 7.66
CA ALA A 64 6.16 18.08 7.25
C ALA A 64 6.38 18.02 5.73
N GLN A 65 5.92 16.94 5.10
CA GLN A 65 6.09 16.75 3.66
C GLN A 65 4.84 17.13 2.87
N MET A 66 3.83 17.66 3.55
CA MET A 66 2.59 18.04 2.91
C MET A 66 2.57 19.55 2.76
N SER A 67 1.82 20.04 1.78
CA SER A 67 1.70 21.49 1.58
C SER A 67 0.28 21.90 1.96
N VAL A 68 0.10 23.17 2.30
CA VAL A 68 -1.22 23.65 2.68
C VAL A 68 -2.31 23.36 1.65
N GLY A 69 -3.38 22.74 2.12
CA GLY A 69 -4.49 22.38 1.25
C GLY A 69 -4.48 20.93 0.82
N GLN A 70 -3.35 20.27 0.98
CA GLN A 70 -3.21 18.88 0.58
C GLN A 70 -3.89 17.86 1.50
N ARG A 71 -4.41 16.82 0.89
CA ARG A 71 -5.04 15.74 1.61
C ARG A 71 -4.23 14.54 1.17
N ALA A 72 -3.73 13.78 2.14
CA ALA A 72 -2.90 12.63 1.83
C ALA A 72 -3.16 11.45 2.75
N LYS A 73 -2.78 10.27 2.30
CA LYS A 73 -2.91 9.04 3.08
C LYS A 73 -1.52 8.70 3.63
N LEU A 74 -1.38 8.66 4.95
CA LEU A 74 -0.12 8.35 5.58
C LEU A 74 -0.17 6.93 6.11
N THR A 75 0.81 6.10 5.74
CA THR A 75 0.91 4.73 6.24
C THR A 75 2.12 4.78 7.18
N ILE A 76 1.87 4.46 8.44
CA ILE A 76 2.89 4.55 9.49
C ILE A 76 3.20 3.23 10.19
N SER A 77 4.48 2.88 10.25
CA SER A 77 4.92 1.65 10.90
C SER A 77 4.89 1.83 12.42
N PRO A 78 4.79 0.72 13.16
CA PRO A 78 4.72 0.72 14.63
C PRO A 78 5.73 1.61 15.30
N ASP A 79 6.98 1.48 14.89
CA ASP A 79 8.07 2.27 15.47
C ASP A 79 7.91 3.79 15.34
N TYR A 80 7.05 4.22 14.43
CA TYR A 80 6.78 5.64 14.22
C TYR A 80 5.42 5.99 14.80
N ALA A 81 4.75 5.01 15.39
CA ALA A 81 3.43 5.22 15.99
C ALA A 81 3.41 4.87 17.48
N TYR A 82 2.75 3.77 17.84
CA TYR A 82 2.66 3.36 19.25
C TYR A 82 3.50 2.16 19.71
N GLY A 83 4.40 1.70 18.85
CA GLY A 83 5.32 0.62 19.19
C GLY A 83 4.80 -0.76 19.56
N ALA A 84 5.60 -1.45 20.37
CA ALA A 84 5.31 -2.79 20.84
C ALA A 84 4.15 -2.78 21.82
N THR A 85 4.12 -1.78 22.71
CA THR A 85 3.06 -1.66 23.69
C THR A 85 1.70 -1.20 23.13
N GLY A 86 1.73 -0.42 22.05
CA GLY A 86 0.50 0.09 21.47
C GLY A 86 -0.22 0.94 22.50
N HIS A 87 -1.54 0.88 22.48
CA HIS A 87 -2.36 1.58 23.46
C HIS A 87 -3.51 0.63 23.74
N PRO A 88 -3.31 -0.31 24.67
CA PRO A 88 -4.29 -1.32 25.06
C PRO A 88 -5.73 -0.82 25.08
N GLY A 89 -6.59 -1.54 24.39
CA GLY A 89 -7.98 -1.17 24.31
C GLY A 89 -8.33 -0.49 23.00
N ILE A 90 -7.34 0.18 22.39
CA ILE A 90 -7.56 0.90 21.14
C ILE A 90 -6.58 0.50 20.02
N ILE A 91 -5.29 0.60 20.30
CA ILE A 91 -4.24 0.25 19.34
C ILE A 91 -3.49 -1.00 19.76
N PRO A 92 -3.61 -2.11 19.01
CA PRO A 92 -2.89 -3.33 19.38
C PRO A 92 -1.38 -3.18 19.21
N PRO A 93 -0.61 -4.11 19.80
CA PRO A 93 0.85 -4.08 19.71
C PRO A 93 1.32 -4.20 18.25
N HIS A 94 2.43 -3.55 17.93
CA HIS A 94 3.00 -3.61 16.58
C HIS A 94 2.01 -3.28 15.46
N ALA A 95 1.13 -2.31 15.70
CA ALA A 95 0.15 -1.96 14.68
C ALA A 95 0.66 -0.91 13.69
N THR A 96 0.41 -1.16 12.41
CA THR A 96 0.74 -0.22 11.35
C THR A 96 -0.53 0.61 11.24
N LEU A 97 -0.42 1.92 11.28
CA LEU A 97 -1.61 2.76 11.20
C LEU A 97 -1.72 3.49 9.86
N VAL A 98 -2.95 3.75 9.44
CA VAL A 98 -3.21 4.46 8.20
C VAL A 98 -4.07 5.68 8.53
N PHE A 99 -3.58 6.85 8.13
CA PHE A 99 -4.27 8.10 8.39
C PHE A 99 -4.62 8.86 7.11
N ASP A 100 -5.87 9.31 7.02
CA ASP A 100 -6.30 10.14 5.91
C ASP A 100 -6.20 11.51 6.56
N VAL A 101 -5.27 12.33 6.09
CA VAL A 101 -5.04 13.64 6.69
C VAL A 101 -5.16 14.80 5.72
N GLU A 102 -5.87 15.84 6.12
CA GLU A 102 -6.01 17.03 5.29
C GLU A 102 -5.43 18.24 6.02
N LEU A 103 -4.38 18.86 5.45
CA LEU A 103 -3.73 20.03 6.05
C LEU A 103 -4.52 21.27 5.64
N LEU A 104 -5.31 21.81 6.55
CA LEU A 104 -6.18 22.97 6.31
C LEU A 104 -5.49 24.32 6.28
N LYS A 105 -4.61 24.55 7.24
CA LYS A 105 -3.89 25.82 7.33
C LYS A 105 -2.79 25.70 8.36
N LEU A 106 -1.96 26.73 8.44
CA LEU A 106 -0.86 26.79 9.39
C LEU A 106 -1.07 28.06 10.19
N GLU A 107 -0.71 28.02 11.46
CA GLU A 107 -0.82 29.16 12.36
C GLU A 107 0.50 29.24 13.13
N GLY B 1 11.51 -20.99 -12.71
CA GLY B 1 11.36 -19.54 -12.91
C GLY B 1 9.92 -19.22 -13.23
N VAL B 2 9.70 -18.17 -14.01
CA VAL B 2 8.37 -17.75 -14.40
C VAL B 2 8.33 -17.55 -15.89
N GLN B 3 7.27 -18.02 -16.51
CA GLN B 3 7.09 -17.86 -17.94
C GLN B 3 5.94 -16.89 -18.15
N VAL B 4 6.19 -15.84 -18.92
CA VAL B 4 5.19 -14.82 -19.21
C VAL B 4 4.64 -14.96 -20.63
N GLU B 5 3.34 -15.17 -20.74
CA GLU B 5 2.69 -15.31 -22.04
C GLU B 5 1.67 -14.18 -22.18
N THR B 6 1.75 -13.40 -23.25
CA THR B 6 0.83 -12.29 -23.44
C THR B 6 -0.58 -12.74 -23.79
N ILE B 7 -1.56 -12.04 -23.23
CA ILE B 7 -2.96 -12.33 -23.51
C ILE B 7 -3.46 -11.11 -24.28
N SER B 8 -3.01 -9.94 -23.86
CA SER B 8 -3.36 -8.69 -24.49
C SER B 8 -2.17 -7.76 -24.29
N PRO B 9 -1.76 -7.04 -25.34
CA PRO B 9 -0.61 -6.15 -25.25
C PRO B 9 -0.85 -4.89 -24.45
N GLY B 10 0.23 -4.39 -23.86
CA GLY B 10 0.18 -3.15 -23.11
C GLY B 10 0.74 -2.10 -24.06
N ASP B 11 1.26 -1.00 -23.55
CA ASP B 11 1.80 0.03 -24.44
C ASP B 11 3.17 -0.33 -25.02
N GLY B 12 3.79 -1.40 -24.51
CA GLY B 12 5.10 -1.83 -24.96
C GLY B 12 6.25 -0.86 -24.71
N ARG B 13 6.07 0.05 -23.75
CA ARG B 13 7.09 1.04 -23.46
C ARG B 13 7.30 1.30 -21.98
N THR B 14 6.22 1.31 -21.21
CA THR B 14 6.30 1.60 -19.78
C THR B 14 6.39 0.31 -18.98
N PHE B 15 7.60 0.04 -18.47
CA PHE B 15 7.87 -1.15 -17.68
C PHE B 15 8.10 -0.72 -16.23
N PRO B 16 7.59 -1.49 -15.27
CA PRO B 16 7.72 -1.21 -13.83
C PRO B 16 9.17 -1.19 -13.38
N LYS B 17 9.51 -0.20 -12.57
CA LYS B 17 10.85 -0.06 -12.02
C LYS B 17 10.77 -0.35 -10.52
N ARG B 18 11.87 -0.83 -9.95
CA ARG B 18 11.90 -1.15 -8.55
C ARG B 18 11.50 0.10 -7.75
N GLY B 19 10.60 -0.06 -6.81
CA GLY B 19 10.17 1.08 -6.03
C GLY B 19 8.83 1.64 -6.45
N GLN B 20 8.38 1.28 -7.65
CA GLN B 20 7.08 1.76 -8.12
C GLN B 20 5.98 0.85 -7.59
N THR B 21 4.79 1.42 -7.44
CA THR B 21 3.65 0.66 -6.98
C THR B 21 2.85 0.19 -8.20
N CYS B 22 2.72 -1.12 -8.31
CA CYS B 22 2.00 -1.75 -9.41
C CYS B 22 0.56 -1.99 -9.01
N VAL B 23 -0.37 -1.59 -9.87
CA VAL B 23 -1.79 -1.79 -9.60
C VAL B 23 -2.25 -2.82 -10.60
N VAL B 24 -2.68 -3.96 -10.09
CA VAL B 24 -3.06 -5.04 -10.97
C VAL B 24 -4.36 -5.74 -10.59
N HIS B 25 -4.91 -6.50 -11.52
CA HIS B 25 -6.08 -7.32 -11.27
C HIS B 25 -5.49 -8.68 -11.57
N TYR B 26 -5.87 -9.71 -10.82
CA TYR B 26 -5.31 -11.03 -11.05
C TYR B 26 -6.28 -12.10 -10.62
N THR B 27 -5.99 -13.32 -11.07
CA THR B 27 -6.72 -14.54 -10.75
C THR B 27 -5.65 -15.60 -10.61
N GLY B 28 -5.62 -16.27 -9.46
CA GLY B 28 -4.62 -17.30 -9.22
C GLY B 28 -5.25 -18.66 -9.35
N MET B 29 -4.56 -19.57 -10.00
CA MET B 29 -5.06 -20.92 -10.20
C MET B 29 -3.96 -21.95 -9.98
N LEU B 30 -4.35 -23.17 -9.62
CA LEU B 30 -3.41 -24.26 -9.44
C LEU B 30 -3.24 -24.84 -10.82
N GLU B 31 -2.29 -25.75 -11.01
CA GLU B 31 -2.07 -26.38 -12.32
C GLU B 31 -3.35 -26.88 -12.98
N ASP B 32 -4.21 -27.53 -12.19
CA ASP B 32 -5.46 -28.08 -12.72
C ASP B 32 -6.52 -27.06 -13.14
N GLY B 33 -6.24 -25.77 -12.95
CA GLY B 33 -7.20 -24.75 -13.32
C GLY B 33 -8.14 -24.31 -12.22
N LYS B 34 -7.96 -24.88 -11.03
CA LYS B 34 -8.78 -24.52 -9.89
C LYS B 34 -8.36 -23.15 -9.36
N LYS B 35 -9.30 -22.22 -9.38
CA LYS B 35 -9.06 -20.86 -8.92
C LYS B 35 -8.96 -20.86 -7.40
N PHE B 36 -7.96 -20.19 -6.87
CA PHE B 36 -7.81 -20.13 -5.43
C PHE B 36 -7.90 -18.72 -4.87
N ASP B 37 -7.72 -17.72 -5.74
CA ASP B 37 -7.79 -16.31 -5.30
C ASP B 37 -7.97 -15.42 -6.51
N SER B 38 -8.66 -14.31 -6.32
CA SER B 38 -8.90 -13.38 -7.42
C SER B 38 -9.37 -12.00 -6.94
N SER B 39 -8.67 -10.96 -7.38
CA SER B 39 -9.02 -9.60 -7.01
C SER B 39 -10.24 -9.22 -7.83
N ARG B 40 -10.39 -9.84 -8.99
CA ARG B 40 -11.52 -9.56 -9.86
C ARG B 40 -12.84 -9.90 -9.19
N ASP B 41 -12.83 -10.95 -8.37
CA ASP B 41 -14.05 -11.38 -7.66
C ASP B 41 -14.41 -10.33 -6.63
N ARG B 42 -13.39 -9.70 -6.04
CA ARG B 42 -13.63 -8.66 -5.06
C ARG B 42 -13.86 -7.32 -5.70
N ASN B 43 -13.66 -7.24 -7.02
CA ASN B 43 -13.82 -5.98 -7.76
C ASN B 43 -12.98 -4.87 -7.11
N LYS B 44 -11.76 -5.23 -6.76
CA LYS B 44 -10.86 -4.31 -6.11
C LYS B 44 -9.44 -4.67 -6.57
N PRO B 45 -8.77 -3.75 -7.27
CA PRO B 45 -7.41 -4.01 -7.74
C PRO B 45 -6.48 -4.22 -6.56
N PHE B 46 -5.38 -4.93 -6.79
CA PHE B 46 -4.39 -5.21 -5.78
C PHE B 46 -3.16 -4.34 -6.06
N LYS B 47 -2.53 -3.82 -5.01
CA LYS B 47 -1.35 -2.97 -5.17
C LYS B 47 -0.17 -3.52 -4.38
N PHE B 48 1.02 -3.42 -4.96
CA PHE B 48 2.24 -3.85 -4.29
C PHE B 48 3.37 -3.04 -4.86
N MET B 49 4.36 -2.74 -4.03
CA MET B 49 5.52 -1.99 -4.45
C MET B 49 6.60 -2.96 -4.94
N LEU B 50 7.01 -2.81 -6.19
CA LEU B 50 8.01 -3.68 -6.78
C LEU B 50 9.32 -3.58 -6.02
N GLY B 51 9.90 -4.74 -5.73
CA GLY B 51 11.17 -4.79 -5.01
C GLY B 51 11.11 -4.93 -3.50
N LYS B 52 9.92 -4.79 -2.91
CA LYS B 52 9.82 -4.90 -1.47
C LYS B 52 9.48 -6.31 -0.98
N GLN B 53 9.42 -7.26 -1.91
CA GLN B 53 9.12 -8.66 -1.59
C GLN B 53 7.81 -8.86 -0.83
N GLU B 54 6.81 -8.06 -1.18
CA GLU B 54 5.49 -8.13 -0.57
C GLU B 54 4.68 -9.18 -1.28
N VAL B 55 5.22 -9.70 -2.39
CA VAL B 55 4.56 -10.72 -3.20
C VAL B 55 5.58 -11.82 -3.51
N ILE B 56 5.13 -12.92 -4.09
CA ILE B 56 6.03 -14.02 -4.41
C ILE B 56 7.05 -13.60 -5.47
N ARG B 57 8.22 -14.21 -5.44
CA ARG B 57 9.29 -13.89 -6.37
C ARG B 57 8.86 -13.87 -7.85
N GLY B 58 8.07 -14.87 -8.24
CA GLY B 58 7.59 -14.93 -9.62
C GLY B 58 6.82 -13.70 -10.07
N TRP B 59 6.17 -13.01 -9.14
CA TRP B 59 5.42 -11.80 -9.44
C TRP B 59 6.39 -10.65 -9.63
N GLU B 60 7.34 -10.55 -8.71
CA GLU B 60 8.35 -9.49 -8.75
C GLU B 60 9.07 -9.56 -10.09
N GLU B 61 9.49 -10.77 -10.48
CA GLU B 61 10.21 -10.96 -11.71
C GLU B 61 9.35 -10.98 -12.97
N GLY B 62 8.14 -11.51 -12.87
CA GLY B 62 7.26 -11.57 -14.02
C GLY B 62 6.56 -10.26 -14.36
N VAL B 63 6.11 -9.54 -13.35
CA VAL B 63 5.42 -8.27 -13.58
C VAL B 63 6.41 -7.21 -14.09
N ALA B 64 7.69 -7.35 -13.74
CA ALA B 64 8.71 -6.41 -14.18
C ALA B 64 8.91 -6.49 -15.69
N GLN B 65 8.43 -7.58 -16.30
CA GLN B 65 8.55 -7.77 -17.75
C GLN B 65 7.29 -7.39 -18.51
N MET B 66 6.30 -6.84 -17.80
CA MET B 66 5.06 -6.45 -18.45
C MET B 66 5.06 -4.95 -18.61
N SER B 67 4.28 -4.45 -19.56
CA SER B 67 4.17 -3.02 -19.75
C SER B 67 2.76 -2.59 -19.36
N VAL B 68 2.60 -1.32 -19.00
CA VAL B 68 1.29 -0.82 -18.59
C VAL B 68 0.19 -1.08 -19.60
N GLY B 69 -0.88 -1.71 -19.13
CA GLY B 69 -2.01 -2.04 -19.99
C GLY B 69 -2.02 -3.50 -20.36
N GLN B 70 -0.88 -4.17 -20.22
CA GLN B 70 -0.76 -5.56 -20.61
C GLN B 70 -1.44 -6.55 -19.66
N ARG B 71 -2.02 -7.58 -20.26
CA ARG B 71 -2.66 -8.65 -19.53
C ARG B 71 -1.84 -9.84 -19.99
N ALA B 72 -1.36 -10.64 -19.04
CA ALA B 72 -0.54 -11.79 -19.37
C ALA B 72 -0.77 -12.96 -18.42
N LYS B 73 -0.44 -14.15 -18.89
CA LYS B 73 -0.56 -15.36 -18.08
C LYS B 73 0.85 -15.72 -17.58
N LEU B 74 1.03 -15.73 -16.26
CA LEU B 74 2.30 -16.07 -15.64
C LEU B 74 2.26 -17.48 -15.09
N THR B 75 3.21 -18.33 -15.51
CA THR B 75 3.31 -19.69 -15.00
C THR B 75 4.53 -19.66 -14.09
N ILE B 76 4.33 -19.98 -12.82
CA ILE B 76 5.38 -19.92 -11.80
C ILE B 76 5.68 -21.25 -11.10
N SER B 77 6.96 -21.61 -11.07
CA SER B 77 7.40 -22.85 -10.42
C SER B 77 7.40 -22.65 -8.90
N PRO B 78 7.28 -23.76 -8.14
CA PRO B 78 7.24 -23.74 -6.67
C PRO B 78 8.30 -22.88 -6.02
N ASP B 79 9.54 -23.00 -6.49
CA ASP B 79 10.63 -22.23 -5.93
C ASP B 79 10.48 -20.71 -6.06
N TYR B 80 9.58 -20.28 -6.95
CA TYR B 80 9.32 -18.84 -7.14
C TYR B 80 7.97 -18.46 -6.53
N ALA B 81 7.32 -19.43 -5.91
CA ALA B 81 6.02 -19.19 -5.30
C ALA B 81 6.04 -19.58 -3.82
N TYR B 82 5.38 -20.68 -3.45
CA TYR B 82 5.34 -21.06 -2.04
C TYR B 82 6.16 -22.27 -1.58
N GLY B 83 7.06 -22.74 -2.43
CA GLY B 83 7.97 -23.83 -2.11
C GLY B 83 7.45 -25.20 -1.71
N ALA B 84 8.27 -25.89 -0.93
CA ALA B 84 7.98 -27.23 -0.44
C ALA B 84 6.84 -27.18 0.57
N THR B 85 6.83 -26.18 1.44
CA THR B 85 5.79 -26.07 2.44
C THR B 85 4.43 -25.61 1.90
N GLY B 86 4.44 -24.80 0.84
CA GLY B 86 3.20 -24.29 0.28
C GLY B 86 2.49 -23.44 1.32
N HIS B 87 1.16 -23.51 1.33
CA HIS B 87 0.37 -22.79 2.31
C HIS B 87 -0.77 -23.75 2.61
N PRO B 88 -0.55 -24.68 3.55
CA PRO B 88 -1.52 -25.69 3.97
C PRO B 88 -2.96 -25.19 4.01
N GLY B 89 -3.84 -25.91 3.33
CA GLY B 89 -5.23 -25.52 3.27
C GLY B 89 -5.60 -24.81 1.98
N ILE B 90 -4.63 -24.13 1.37
CA ILE B 90 -4.87 -23.39 0.12
C ILE B 90 -3.93 -23.83 -1.03
N ILE B 91 -2.63 -23.75 -0.78
CA ILE B 91 -1.61 -24.12 -1.77
C ILE B 91 -0.86 -25.38 -1.34
N PRO B 92 -0.98 -26.46 -2.12
CA PRO B 92 -0.27 -27.69 -1.76
C PRO B 92 1.25 -27.57 -1.96
N PRO B 93 2.02 -28.52 -1.38
CA PRO B 93 3.48 -28.52 -1.51
C PRO B 93 3.90 -28.62 -2.97
N HIS B 94 5.01 -27.97 -3.32
CA HIS B 94 5.54 -28.02 -4.69
C HIS B 94 4.53 -27.70 -5.78
N ALA B 95 3.66 -26.73 -5.54
CA ALA B 95 2.67 -26.38 -6.55
C ALA B 95 3.16 -25.31 -7.53
N THR B 96 2.90 -25.57 -8.81
CA THR B 96 3.21 -24.64 -9.88
C THR B 96 1.92 -23.82 -9.95
N LEU B 97 2.05 -22.50 -9.91
CA LEU B 97 0.87 -21.65 -9.96
C LEU B 97 0.73 -20.93 -11.30
N VAL B 98 -0.50 -20.64 -11.69
CA VAL B 98 -0.77 -19.94 -12.94
C VAL B 98 -1.59 -18.71 -12.60
N PHE B 99 -1.10 -17.55 -13.01
CA PHE B 99 -1.78 -16.28 -12.75
C PHE B 99 -2.15 -15.53 -14.02
N ASP B 100 -3.39 -15.04 -14.06
CA ASP B 100 -3.85 -14.21 -15.17
C ASP B 100 -3.73 -12.84 -14.52
N VAL B 101 -2.81 -12.03 -15.03
CA VAL B 101 -2.55 -10.73 -14.44
C VAL B 101 -2.69 -9.58 -15.43
N GLU B 102 -3.34 -8.51 -15.01
CA GLU B 102 -3.48 -7.33 -15.84
C GLU B 102 -2.87 -6.13 -15.11
N LEU B 103 -1.84 -5.53 -15.69
CA LEU B 103 -1.17 -4.36 -15.09
C LEU B 103 -1.95 -3.11 -15.51
N LEU B 104 -2.74 -2.57 -14.60
CA LEU B 104 -3.60 -1.41 -14.84
C LEU B 104 -2.89 -0.06 -14.90
N LYS B 105 -1.96 0.16 -13.98
CA LYS B 105 -1.21 1.41 -13.91
C LYS B 105 -0.09 1.29 -12.90
N LEU B 106 0.75 2.32 -12.84
CA LEU B 106 1.88 2.39 -11.92
C LEU B 106 1.70 3.66 -11.13
N GLU B 107 2.07 3.61 -9.86
CA GLU B 107 1.99 4.75 -8.96
C GLU B 107 3.35 4.82 -8.24
N NH4 C . 2.96 3.05 23.16
S SO4 D . 7.47 0.67 22.51
O1 SO4 D . 7.83 -0.07 21.38
O2 SO4 D . 8.51 0.67 23.44
O3 SO4 D . 6.32 0.07 23.08
O4 SO4 D . 7.21 2.01 22.15
C1 BUQ E . -1.81 10.38 15.52
C1 BUQ E . -2.17 12.63 18.63
C2 BUQ E . -1.63 11.44 16.59
C2 BUQ E . -1.73 12.00 17.32
O2 BUQ E . -0.52 11.58 17.10
O2 BUQ E . -0.57 11.56 17.19
C3 BUQ E . -2.80 12.32 17.02
C3 BUQ E . -2.71 11.93 16.17
C4 BUQ E . -4.16 11.71 16.66
C4 BUQ E . -4.09 11.45 16.61
O5 BUQ E . -4.42 10.38 17.06
O5 BUQ E . -4.10 10.06 16.87
N NH4 F . 5.62 -21.38 1.95
S SO4 G . 10.14 -23.77 1.27
O1 SO4 G . 10.48 -24.54 0.15
O2 SO4 G . 11.21 -23.76 2.15
O3 SO4 G . 9.01 -24.36 1.89
O4 SO4 G . 9.86 -22.45 0.88
C1 BUQ H . 0.87 -14.00 -5.70
C1 BUQ H . 0.60 -11.71 -2.57
C2 BUQ H . 1.07 -12.94 -4.63
C2 BUQ H . 1.00 -12.37 -3.90
O2 BUQ H . 2.18 -12.83 -4.13
O2 BUQ H . 2.13 -12.85 -4.05
C3 BUQ H . -0.08 -12.04 -4.20
C3 BUQ H . -0.02 -12.42 -5.02
C4 BUQ H . -1.44 -12.63 -4.50
C4 BUQ H . -1.38 -12.91 -4.55
O5 BUQ H . -1.70 -13.98 -4.10
O5 BUQ H . -1.39 -14.30 -4.26
#